data_4KVZ
#
_entry.id   4KVZ
#
_cell.length_a   78.140
_cell.length_b   80.080
_cell.length_c   88.160
_cell.angle_alpha   90.00
_cell.angle_beta   90.00
_cell.angle_gamma   90.00
#
_symmetry.space_group_name_H-M   'C 2 2 21'
#
loop_
_entity.id
_entity.type
_entity.pdbx_description
1 polymer BamL
2 non-polymer S-ADENOSYL-L-HOMOCYSTEINE
3 water water
#
_entity_poly.entity_id   1
_entity_poly.type   'polypeptide(L)'
_entity_poly.pdbx_seq_one_letter_code
;MEIETIVRESEANRIQAQTWFSHPEKSKVSFRYDERETSSIRSISIETFLSFYSSKFNREPYSVLDIGCGQGQVIQYLNS
RFQKIELTGIDSSAQAISSAKKLGINASFICSNAENIMQYVSKKQDIIFIHLCFGLFKNPIAIVNTLIHLLSDQSCIYIV
DLDRNSLGEGLNTAQSREEEAYLKDQYRASLTMEEFKQLLHVVTKEQHGVSFHVGNSFIGGFDETSSQFFSLMRNRNLQD
ALRTSVGEQLKQSQMPALLHGWIIKNKRYT
;
_entity_poly.pdbx_strand_id   A
#
# COMPACT_ATOMS: atom_id res chain seq x y z
N GLU A 2 5.84 -23.11 1.83
CA GLU A 2 4.88 -23.10 0.68
C GLU A 2 4.89 -21.76 -0.06
N ILE A 3 4.87 -20.67 0.72
CA ILE A 3 4.76 -19.33 0.15
C ILE A 3 6.04 -18.93 -0.59
N GLU A 4 7.18 -19.36 -0.05
CA GLU A 4 8.46 -19.11 -0.69
C GLU A 4 8.47 -19.73 -2.09
N THR A 5 7.92 -20.94 -2.19
CA THR A 5 7.80 -21.62 -3.48
C THR A 5 6.86 -20.86 -4.41
N ILE A 6 5.67 -20.51 -3.91
CA ILE A 6 4.70 -19.73 -4.70
C ILE A 6 5.34 -18.45 -5.25
N VAL A 7 5.99 -17.68 -4.39
CA VAL A 7 6.69 -16.46 -4.77
C VAL A 7 7.72 -16.68 -5.88
N ARG A 8 8.55 -17.70 -5.72
CA ARG A 8 9.60 -18.00 -6.69
C ARG A 8 9.06 -18.40 -8.05
N GLU A 9 8.11 -19.34 -8.06
CA GLU A 9 7.54 -19.86 -9.31
C GLU A 9 6.72 -18.80 -10.07
N SER A 10 6.23 -17.79 -9.35
CA SER A 10 5.40 -16.74 -9.89
C SER A 10 6.20 -15.53 -10.38
N GLU A 11 7.53 -15.59 -10.26
CA GLU A 11 8.40 -14.42 -10.50
C GLU A 11 8.22 -13.77 -11.87
N ALA A 12 8.05 -14.61 -12.90
CA ALA A 12 7.83 -14.12 -14.26
C ALA A 12 6.57 -13.27 -14.35
N ASN A 13 5.52 -13.65 -13.62
CA ASN A 13 4.28 -12.91 -13.61
C ASN A 13 4.49 -11.50 -13.03
N ARG A 14 5.32 -11.39 -12.00
CA ARG A 14 5.58 -10.09 -11.37
C ARG A 14 6.46 -9.22 -12.28
N ILE A 15 7.40 -9.84 -12.99
CA ILE A 15 8.21 -9.13 -13.97
C ILE A 15 7.33 -8.51 -15.07
N GLN A 16 6.39 -9.30 -15.58
CA GLN A 16 5.47 -8.83 -16.62
C GLN A 16 4.58 -7.68 -16.13
N ALA A 17 4.05 -7.80 -14.91
CA ALA A 17 3.24 -6.72 -14.34
C ALA A 17 4.03 -5.41 -14.27
N GLN A 18 5.31 -5.50 -13.93
CA GLN A 18 6.16 -4.31 -13.73
C GLN A 18 6.52 -3.57 -15.04
N THR A 19 6.38 -4.24 -16.18
CA THR A 19 6.59 -3.59 -17.49
C THR A 19 5.66 -2.38 -17.68
N TRP A 20 4.52 -2.41 -17.01
CA TRP A 20 3.51 -1.36 -17.13
C TRP A 20 3.89 -0.08 -16.42
N PHE A 21 5.02 -0.09 -15.72
CA PHE A 21 5.48 1.10 -15.00
C PHE A 21 6.86 1.57 -15.44
N SER A 22 7.52 0.80 -16.30
CA SER A 22 8.91 1.06 -16.66
C SER A 22 9.13 1.44 -18.12
N HIS A 23 8.07 1.41 -18.92
CA HIS A 23 8.14 1.80 -20.33
C HIS A 23 7.14 2.91 -20.58
N PRO A 24 7.54 3.95 -21.35
CA PRO A 24 6.77 5.19 -21.51
C PRO A 24 5.33 4.99 -21.99
N GLU A 25 5.14 4.18 -23.03
CA GLU A 25 3.80 3.98 -23.57
C GLU A 25 2.87 3.22 -22.60
N LYS A 26 3.33 2.07 -22.11
CA LYS A 26 2.59 1.31 -21.08
C LYS A 26 2.30 2.14 -19.83
N SER A 27 3.27 2.95 -19.41
CA SER A 27 3.12 3.80 -18.22
C SER A 27 1.99 4.84 -18.33
N LYS A 28 1.72 5.31 -19.55
CA LYS A 28 0.58 6.21 -19.75
C LYS A 28 -0.74 5.52 -19.42
N VAL A 29 -0.86 4.25 -19.82
CA VAL A 29 -2.06 3.44 -19.57
C VAL A 29 -2.27 3.20 -18.08
N SER A 30 -1.20 2.76 -17.41
CA SER A 30 -1.28 2.43 -15.99
C SER A 30 -1.54 3.66 -15.13
N PHE A 31 -0.88 4.77 -15.48
CA PHE A 31 -1.08 6.02 -14.73
C PHE A 31 -2.53 6.52 -14.83
N ARG A 32 -3.08 6.52 -16.03
CA ARG A 32 -4.45 6.95 -16.25
C ARG A 32 -5.43 6.05 -15.47
N TYR A 33 -5.30 4.74 -15.62
CA TYR A 33 -6.15 3.84 -14.87
C TYR A 33 -6.03 4.07 -13.36
N ASP A 34 -4.80 4.11 -12.85
CA ASP A 34 -4.59 4.21 -11.40
C ASP A 34 -5.15 5.52 -10.84
N GLU A 35 -4.97 6.62 -11.57
CA GLU A 35 -5.47 7.89 -11.06
C GLU A 35 -6.98 8.01 -11.15
N ARG A 36 -7.56 7.45 -12.20
CA ARG A 36 -9.01 7.48 -12.35
C ARG A 36 -9.72 6.57 -11.36
N GLU A 37 -9.17 5.35 -11.19
CA GLU A 37 -9.91 4.28 -10.53
C GLU A 37 -9.48 4.05 -9.08
N THR A 38 -8.23 4.41 -8.75
CA THR A 38 -7.68 4.09 -7.43
C THR A 38 -7.40 5.29 -6.51
N SER A 39 -7.59 6.50 -7.02
CA SER A 39 -7.37 7.72 -6.21
C SER A 39 -8.23 7.77 -4.95
N SER A 40 -9.51 7.43 -5.13
CA SER A 40 -10.47 7.38 -4.04
C SER A 40 -10.07 6.34 -3.00
N ILE A 41 -9.70 5.15 -3.48
CA ILE A 41 -9.19 4.07 -2.61
C ILE A 41 -8.00 4.56 -1.80
N ARG A 42 -7.06 5.25 -2.47
CA ARG A 42 -5.85 5.74 -1.81
C ARG A 42 -6.17 6.67 -0.63
N SER A 43 -7.10 7.60 -0.82
CA SER A 43 -7.55 8.47 0.27
C SER A 43 -8.09 7.68 1.45
N ILE A 44 -8.95 6.69 1.16
CA ILE A 44 -9.53 5.83 2.19
C ILE A 44 -8.42 5.08 2.91
N SER A 45 -7.47 4.53 2.16
CA SER A 45 -6.35 3.80 2.75
C SER A 45 -5.51 4.68 3.67
N ILE A 46 -5.28 5.94 3.28
CA ILE A 46 -4.50 6.85 4.12
C ILE A 46 -5.22 7.13 5.44
N GLU A 47 -6.49 7.51 5.34
CA GLU A 47 -7.30 7.75 6.54
C GLU A 47 -7.41 6.50 7.41
N THR A 48 -7.44 5.33 6.77
CA THR A 48 -7.43 4.05 7.51
C THR A 48 -6.16 3.93 8.36
N PHE A 49 -4.99 4.13 7.78
CA PHE A 49 -3.79 3.98 8.60
C PHE A 49 -3.61 5.06 9.66
N LEU A 50 -4.04 6.28 9.38
CA LEU A 50 -3.98 7.36 10.36
C LEU A 50 -4.91 7.07 11.54
N SER A 51 -6.12 6.62 11.23
CA SER A 51 -7.07 6.25 12.26
C SER A 51 -6.58 5.03 13.05
N PHE A 52 -6.11 4.00 12.35
CA PHE A 52 -5.58 2.83 13.04
C PHE A 52 -4.43 3.21 13.97
N TYR A 53 -3.52 4.06 13.51
CA TYR A 53 -2.33 4.38 14.29
C TYR A 53 -2.71 5.08 15.59
N SER A 54 -3.63 6.03 15.48
CA SER A 54 -4.11 6.81 16.63
C SER A 54 -4.80 5.91 17.65
N SER A 55 -5.60 4.96 17.16
CA SER A 55 -6.36 4.07 18.01
C SER A 55 -5.47 3.05 18.70
N LYS A 56 -4.48 2.54 17.97
CA LYS A 56 -3.56 1.53 18.48
C LYS A 56 -2.53 2.09 19.46
N PHE A 57 -1.96 3.25 19.15
CA PHE A 57 -0.85 3.78 19.95
C PHE A 57 -1.18 5.02 20.77
N ASN A 58 -2.40 5.55 20.62
CA ASN A 58 -2.86 6.76 21.33
C ASN A 58 -1.96 7.97 21.12
N ARG A 59 -1.46 8.09 19.89
CA ARG A 59 -0.67 9.23 19.46
C ARG A 59 -0.71 9.29 17.92
N GLU A 60 -0.29 10.41 17.37
CA GLU A 60 -0.17 10.57 15.92
C GLU A 60 1.20 10.09 15.44
N PRO A 61 1.29 9.67 14.16
CA PRO A 61 2.61 9.23 13.68
C PRO A 61 3.52 10.42 13.52
N TYR A 62 4.83 10.16 13.61
CA TYR A 62 5.86 11.20 13.55
C TYR A 62 6.60 11.11 12.23
N SER A 63 6.48 9.96 11.56
CA SER A 63 7.22 9.70 10.35
C SER A 63 6.44 8.71 9.50
N VAL A 64 6.42 8.93 8.19
CA VAL A 64 5.78 7.98 7.27
C VAL A 64 6.71 7.75 6.07
N LEU A 65 6.85 6.48 5.70
CA LEU A 65 7.63 6.10 4.54
C LEU A 65 6.67 5.45 3.53
N ASP A 66 6.63 6.00 2.32
CA ASP A 66 5.75 5.50 1.27
C ASP A 66 6.54 4.71 0.24
N ILE A 67 6.25 3.42 0.14
CA ILE A 67 6.96 2.50 -0.76
C ILE A 67 6.22 2.41 -2.10
N GLY A 68 6.94 2.65 -3.20
CA GLY A 68 6.31 2.73 -4.52
C GLY A 68 5.44 3.98 -4.57
N CYS A 69 6.04 5.11 -4.18
CA CYS A 69 5.30 6.34 -3.92
C CYS A 69 4.73 7.04 -5.15
N GLY A 70 5.08 6.55 -6.34
CA GLY A 70 4.63 7.17 -7.59
C GLY A 70 5.02 8.63 -7.64
N GLN A 71 4.07 9.48 -8.03
CA GLN A 71 4.31 10.92 -8.16
C GLN A 71 4.14 11.68 -6.84
N GLY A 72 4.17 10.97 -5.72
CA GLY A 72 4.16 11.59 -4.40
C GLY A 72 2.80 12.03 -3.87
N GLN A 73 1.74 11.47 -4.44
CA GLN A 73 0.38 11.86 -4.05
C GLN A 73 0.10 11.61 -2.57
N VAL A 74 0.52 10.46 -2.04
CA VAL A 74 0.36 10.17 -0.60
C VAL A 74 1.14 11.16 0.26
N ILE A 75 2.37 11.44 -0.12
CA ILE A 75 3.20 12.31 0.67
C ILE A 75 2.61 13.74 0.68
N GLN A 76 2.09 14.18 -0.45
CA GLN A 76 1.40 15.48 -0.53
C GLN A 76 0.17 15.55 0.40
N TYR A 77 -0.62 14.49 0.39
CA TYR A 77 -1.79 14.39 1.27
C TYR A 77 -1.34 14.52 2.74
N LEU A 78 -0.33 13.76 3.12
CA LEU A 78 0.16 13.80 4.50
C LEU A 78 0.78 15.16 4.86
N ASN A 79 1.48 15.76 3.90
CA ASN A 79 2.13 17.05 4.11
C ASN A 79 1.13 18.18 4.42
N SER A 80 -0.05 18.14 3.81
CA SER A 80 -1.07 19.16 4.08
C SER A 80 -1.83 18.88 5.36
N ARG A 81 -1.90 17.61 5.74
CA ARG A 81 -2.60 17.21 6.95
C ARG A 81 -1.87 17.66 8.21
N PHE A 82 -0.57 17.41 8.27
CA PHE A 82 0.24 17.71 9.46
C PHE A 82 1.20 18.86 9.23
N GLN A 83 1.36 19.71 10.23
CA GLN A 83 2.32 20.80 10.15
C GLN A 83 3.76 20.27 10.21
N LYS A 84 4.00 19.33 11.11
CA LYS A 84 5.31 18.70 11.19
C LYS A 84 5.18 17.17 11.13
N ILE A 85 5.82 16.58 10.13
CA ILE A 85 5.86 15.11 9.97
C ILE A 85 7.00 14.74 9.02
N GLU A 86 7.76 13.71 9.39
CA GLU A 86 8.91 13.30 8.62
C GLU A 86 8.45 12.37 7.51
N LEU A 87 8.61 12.82 6.26
CA LEU A 87 8.03 12.12 5.11
C LEU A 87 9.10 11.68 4.14
N THR A 88 9.01 10.42 3.73
CA THR A 88 9.94 9.83 2.76
C THR A 88 9.15 9.00 1.76
N GLY A 89 9.49 9.10 0.49
CA GLY A 89 8.90 8.26 -0.56
C GLY A 89 9.99 7.65 -1.39
N ILE A 90 9.79 6.40 -1.82
CA ILE A 90 10.77 5.76 -2.69
C ILE A 90 10.03 5.12 -3.85
N ASP A 91 10.60 5.24 -5.06
CA ASP A 91 10.00 4.64 -6.25
C ASP A 91 11.13 4.42 -7.25
N SER A 92 11.08 3.32 -7.99
CA SER A 92 12.15 2.98 -8.95
C SER A 92 12.05 3.74 -10.29
N SER A 93 10.89 4.37 -10.52
CA SER A 93 10.67 5.18 -11.72
C SER A 93 11.27 6.59 -11.58
N ALA A 94 12.28 6.90 -12.39
CA ALA A 94 12.83 8.26 -12.35
C ALA A 94 11.82 9.33 -12.69
N GLN A 95 10.92 9.04 -13.63
CA GLN A 95 9.92 10.02 -14.06
C GLN A 95 8.94 10.32 -12.93
N ALA A 96 8.60 9.28 -12.17
CA ALA A 96 7.69 9.44 -11.01
C ALA A 96 8.33 10.32 -9.95
N ILE A 97 9.60 10.07 -9.65
CA ILE A 97 10.31 10.81 -8.60
C ILE A 97 10.53 12.25 -9.04
N SER A 98 10.83 12.45 -10.32
CA SER A 98 10.97 13.81 -10.84
C SER A 98 9.68 14.63 -10.62
N SER A 99 8.55 14.02 -10.96
CA SER A 99 7.23 14.62 -10.74
C SER A 99 6.97 14.90 -9.26
N ALA A 100 7.32 13.94 -8.41
CA ALA A 100 7.16 14.10 -6.95
C ALA A 100 7.96 15.29 -6.44
N LYS A 101 9.18 15.46 -6.95
CA LYS A 101 10.02 16.56 -6.51
C LYS A 101 9.46 17.94 -6.90
N LYS A 102 8.69 17.99 -7.98
CA LYS A 102 8.09 19.24 -8.46
C LYS A 102 7.00 19.77 -7.53
N LEU A 103 6.50 18.92 -6.64
CA LEU A 103 5.49 19.31 -5.66
C LEU A 103 6.04 20.33 -4.67
N GLY A 104 7.36 20.35 -4.52
CA GLY A 104 8.04 21.31 -3.65
C GLY A 104 7.72 21.13 -2.19
N ILE A 105 7.53 19.88 -1.79
CA ILE A 105 7.20 19.52 -0.41
C ILE A 105 8.47 19.24 0.38
N ASN A 106 8.44 19.57 1.67
CA ASN A 106 9.49 19.16 2.59
C ASN A 106 9.32 17.67 2.87
N ALA A 107 9.90 16.88 1.99
CA ALA A 107 9.91 15.42 2.06
C ALA A 107 11.13 14.94 1.28
N SER A 108 11.57 13.73 1.58
CA SER A 108 12.68 13.11 0.88
C SER A 108 12.13 12.11 -0.12
N PHE A 109 12.42 12.34 -1.40
CA PHE A 109 12.05 11.41 -2.46
C PHE A 109 13.27 10.72 -3.03
N ILE A 110 13.22 9.40 -3.08
CA ILE A 110 14.36 8.58 -3.45
C ILE A 110 14.01 7.77 -4.68
N CYS A 111 14.85 7.84 -5.71
CA CYS A 111 14.66 6.97 -6.87
C CYS A 111 15.58 5.77 -6.80
N SER A 112 14.99 4.63 -6.41
CA SER A 112 15.68 3.35 -6.37
C SER A 112 14.66 2.21 -6.17
N ASN A 113 15.12 0.99 -6.40
CA ASN A 113 14.40 -0.23 -6.03
C ASN A 113 14.22 -0.22 -4.51
N ALA A 114 13.00 -0.51 -4.06
CA ALA A 114 12.70 -0.59 -2.63
C ALA A 114 13.66 -1.53 -1.89
N GLU A 115 14.15 -2.55 -2.59
CA GLU A 115 15.19 -3.46 -2.09
C GLU A 115 16.36 -2.74 -1.42
N ASN A 116 16.71 -1.58 -1.95
CA ASN A 116 17.90 -0.85 -1.53
C ASN A 116 17.62 0.25 -0.50
N ILE A 117 16.45 0.21 0.13
CA ILE A 117 16.02 1.29 1.02
C ILE A 117 17.02 1.60 2.16
N MET A 118 17.64 0.56 2.72
CA MET A 118 18.60 0.73 3.83
C MET A 118 19.83 1.55 3.43
N GLN A 119 20.13 1.57 2.13
CA GLN A 119 21.24 2.39 1.64
C GLN A 119 20.86 3.87 1.60
N TYR A 120 19.58 4.16 1.78
CA TYR A 120 19.09 5.55 1.71
C TYR A 120 18.47 6.04 3.02
N VAL A 121 17.86 5.14 3.77
CA VAL A 121 17.10 5.49 4.98
C VAL A 121 17.62 4.73 6.18
N SER A 122 17.86 5.45 7.27
CA SER A 122 18.31 4.84 8.53
C SER A 122 17.38 5.13 9.73
N LYS A 123 16.73 6.30 9.75
CA LYS A 123 15.81 6.64 10.83
C LYS A 123 14.62 5.68 10.82
N LYS A 124 14.13 5.35 12.02
CA LYS A 124 13.01 4.43 12.15
C LYS A 124 11.70 5.12 11.75
N GLN A 125 10.77 4.34 11.22
CA GLN A 125 9.53 4.87 10.67
C GLN A 125 8.33 4.39 11.47
N ASP A 126 7.39 5.30 11.71
CA ASP A 126 6.15 4.95 12.40
C ASP A 126 5.16 4.20 11.53
N ILE A 127 5.07 4.62 10.27
CA ILE A 127 4.19 3.97 9.29
C ILE A 127 4.95 3.75 8.00
N ILE A 128 4.91 2.52 7.50
CA ILE A 128 5.45 2.21 6.18
C ILE A 128 4.26 1.77 5.35
N PHE A 129 4.02 2.44 4.24
CA PHE A 129 2.82 2.26 3.42
C PHE A 129 3.21 1.63 2.08
N ILE A 130 2.55 0.54 1.71
CA ILE A 130 2.81 -0.17 0.45
C ILE A 130 1.48 -0.32 -0.25
N HIS A 131 1.13 0.67 -1.06
CA HIS A 131 -0.20 0.75 -1.66
C HIS A 131 -0.20 0.36 -3.14
N LEU A 132 -0.92 -0.70 -3.43
CA LEU A 132 -1.14 -1.18 -4.80
C LEU A 132 0.16 -1.33 -5.59
N CYS A 133 1.15 -2.00 -5.01
CA CYS A 133 2.41 -2.24 -5.71
C CYS A 133 3.20 -3.46 -5.21
N PHE A 134 2.69 -4.14 -4.18
CA PHE A 134 3.44 -5.24 -3.55
C PHE A 134 3.69 -6.38 -4.53
N GLY A 135 2.76 -6.58 -5.46
CA GLY A 135 2.89 -7.61 -6.50
C GLY A 135 3.90 -7.30 -7.59
N LEU A 136 4.51 -6.12 -7.55
CA LEU A 136 5.48 -5.72 -8.57
C LEU A 136 6.90 -6.07 -8.16
N PHE A 137 7.11 -6.34 -6.88
CA PHE A 137 8.44 -6.60 -6.36
C PHE A 137 8.92 -7.99 -6.78
N LYS A 138 10.17 -8.06 -7.23
CA LYS A 138 10.80 -9.34 -7.59
C LYS A 138 10.89 -10.24 -6.37
N ASN A 139 11.26 -9.66 -5.23
CA ASN A 139 11.45 -10.40 -3.98
C ASN A 139 10.67 -9.80 -2.81
N PRO A 140 9.34 -10.02 -2.77
CA PRO A 140 8.47 -9.40 -1.76
C PRO A 140 8.76 -9.81 -0.32
N ILE A 141 9.16 -11.06 -0.10
CA ILE A 141 9.54 -11.53 1.23
C ILE A 141 10.75 -10.74 1.74
N ALA A 142 11.77 -10.63 0.89
CA ALA A 142 12.98 -9.89 1.20
C ALA A 142 12.68 -8.42 1.51
N ILE A 143 11.80 -7.81 0.71
CA ILE A 143 11.45 -6.39 0.88
C ILE A 143 10.87 -6.17 2.26
N VAL A 144 9.87 -6.97 2.61
CA VAL A 144 9.19 -6.83 3.90
C VAL A 144 10.14 -7.07 5.06
N ASN A 145 11.01 -8.07 4.94
CA ASN A 145 12.00 -8.33 5.99
C ASN A 145 12.91 -7.12 6.21
N THR A 146 13.31 -6.49 5.12
CA THR A 146 14.12 -5.27 5.18
C THR A 146 13.35 -4.11 5.84
N LEU A 147 12.09 -3.93 5.45
CA LEU A 147 11.28 -2.84 6.00
C LEU A 147 10.96 -2.99 7.49
N ILE A 148 10.83 -4.24 7.94
CA ILE A 148 10.62 -4.53 9.37
C ILE A 148 11.77 -3.96 10.21
N HIS A 149 13.00 -4.03 9.68
CA HIS A 149 14.16 -3.45 10.33
C HIS A 149 14.11 -1.92 10.47
N LEU A 150 13.28 -1.28 9.65
CA LEU A 150 13.11 0.18 9.69
C LEU A 150 11.96 0.66 10.57
N LEU A 151 11.20 -0.28 11.12
CA LEU A 151 10.06 0.06 11.95
C LEU A 151 10.51 0.59 13.30
N SER A 152 9.81 1.64 13.75
CA SER A 152 10.05 2.23 15.06
C SER A 152 9.42 1.39 16.17
N ASP A 153 9.58 1.89 17.40
CA ASP A 153 8.96 1.36 18.63
C ASP A 153 7.48 1.04 18.59
N GLN A 154 6.75 1.89 17.89
CA GLN A 154 5.30 1.88 17.84
C GLN A 154 4.99 2.14 16.38
N SER A 155 4.78 1.07 15.62
CA SER A 155 4.77 1.23 14.18
C SER A 155 3.96 0.17 13.47
N CYS A 156 3.71 0.42 12.19
CA CYS A 156 3.06 -0.57 11.36
C CYS A 156 3.45 -0.43 9.91
N ILE A 157 3.45 -1.57 9.23
CA ILE A 157 3.48 -1.63 7.79
C ILE A 157 2.04 -1.89 7.37
N TYR A 158 1.55 -1.10 6.43
CA TYR A 158 0.20 -1.29 5.94
C TYR A 158 0.29 -1.56 4.44
N ILE A 159 -0.14 -2.74 4.03
CA ILE A 159 -0.09 -3.17 2.63
C ILE A 159 -1.52 -3.32 2.08
N VAL A 160 -1.79 -2.65 0.96
CA VAL A 160 -3.07 -2.78 0.27
C VAL A 160 -2.75 -3.28 -1.14
N ASP A 161 -3.32 -4.43 -1.50
CA ASP A 161 -3.01 -4.97 -2.83
C ASP A 161 -4.16 -5.74 -3.47
N LEU A 162 -4.00 -6.06 -4.75
CA LEU A 162 -5.00 -6.80 -5.49
C LEU A 162 -5.22 -8.19 -4.89
N ASP A 163 -6.47 -8.64 -4.90
CA ASP A 163 -6.81 -10.00 -4.51
C ASP A 163 -6.99 -10.79 -5.79
N ARG A 164 -6.19 -11.84 -5.96
CA ARG A 164 -6.25 -12.66 -7.17
C ARG A 164 -7.67 -13.08 -7.54
N ASN A 165 -8.48 -13.35 -6.51
CA ASN A 165 -9.84 -13.83 -6.70
C ASN A 165 -10.82 -12.76 -7.18
N SER A 166 -10.38 -11.50 -7.17
CA SER A 166 -11.19 -10.36 -7.63
C SER A 166 -11.00 -10.00 -9.11
N LEU A 167 -10.31 -10.86 -9.86
CA LEU A 167 -10.01 -10.58 -11.28
C LEU A 167 -11.23 -10.14 -12.11
N GLY A 168 -12.32 -10.89 -11.99
CA GLY A 168 -13.54 -10.61 -12.75
C GLY A 168 -14.05 -9.20 -12.52
N GLU A 169 -14.16 -8.82 -11.25
CA GLU A 169 -14.59 -7.47 -10.87
C GLU A 169 -13.59 -6.41 -11.32
N GLY A 170 -12.30 -6.74 -11.25
CA GLY A 170 -11.25 -5.84 -11.70
C GLY A 170 -11.42 -5.48 -13.16
N LEU A 171 -11.74 -6.47 -13.99
CA LEU A 171 -11.92 -6.25 -15.42
C LEU A 171 -13.12 -5.36 -15.77
N ASN A 172 -14.15 -5.37 -14.92
CA ASN A 172 -15.33 -4.51 -15.10
C ASN A 172 -15.04 -3.02 -15.02
N THR A 173 -13.88 -2.67 -14.47
CA THR A 173 -13.51 -1.27 -14.30
C THR A 173 -12.74 -0.74 -15.50
N ALA A 174 -12.22 -1.64 -16.33
CA ALA A 174 -11.47 -1.26 -17.54
C ALA A 174 -12.33 -0.47 -18.50
N GLN A 175 -11.75 0.55 -19.11
CA GLN A 175 -12.44 1.42 -20.05
C GLN A 175 -11.79 1.40 -21.45
N SER A 176 -10.87 0.45 -21.66
CA SER A 176 -10.20 0.25 -22.96
C SER A 176 -9.62 -1.15 -22.97
N ARG A 177 -9.32 -1.67 -24.16
CA ARG A 177 -8.70 -2.99 -24.29
C ARG A 177 -7.28 -2.99 -23.69
N GLU A 178 -6.60 -1.84 -23.76
CA GLU A 178 -5.27 -1.70 -23.18
C GLU A 178 -5.32 -1.75 -21.66
N GLU A 179 -6.35 -1.12 -21.09
CA GLU A 179 -6.59 -1.22 -19.64
C GLU A 179 -6.90 -2.67 -19.26
N GLU A 180 -7.67 -3.37 -20.09
CA GLU A 180 -7.91 -4.80 -19.85
C GLU A 180 -6.60 -5.58 -19.79
N ALA A 181 -5.72 -5.33 -20.76
CA ALA A 181 -4.40 -5.96 -20.81
C ALA A 181 -3.56 -5.63 -19.57
N TYR A 182 -3.53 -4.35 -19.21
CA TYR A 182 -2.85 -3.89 -17.98
C TYR A 182 -3.35 -4.67 -16.75
N LEU A 183 -4.66 -4.67 -16.54
CA LEU A 183 -5.25 -5.31 -15.37
C LEU A 183 -4.97 -6.80 -15.36
N LYS A 184 -5.13 -7.46 -16.50
CA LYS A 184 -4.81 -8.89 -16.58
C LYS A 184 -3.40 -9.18 -16.10
N ASP A 185 -2.44 -8.38 -16.57
CA ASP A 185 -1.05 -8.54 -16.15
C ASP A 185 -0.87 -8.28 -14.65
N GLN A 186 -1.50 -7.23 -14.14
CA GLN A 186 -1.44 -6.95 -12.70
C GLN A 186 -2.05 -8.09 -11.88
N TYR A 187 -3.21 -8.59 -12.29
CA TYR A 187 -3.86 -9.67 -11.52
C TYR A 187 -3.10 -10.97 -11.59
N ARG A 188 -2.43 -11.24 -12.70
CA ARG A 188 -1.65 -12.47 -12.80
C ARG A 188 -0.53 -12.50 -11.77
N ALA A 189 -0.03 -11.33 -11.38
CA ALA A 189 1.03 -11.20 -10.39
C ALA A 189 0.54 -11.24 -8.94
N SER A 190 -0.77 -11.15 -8.76
CA SER A 190 -1.35 -11.01 -7.43
C SER A 190 -1.45 -12.31 -6.65
N LEU A 191 -1.61 -12.17 -5.34
CA LEU A 191 -1.79 -13.28 -4.41
C LEU A 191 -3.24 -13.52 -4.03
N THR A 192 -3.56 -14.76 -3.66
CA THR A 192 -4.83 -15.04 -3.02
C THR A 192 -4.72 -14.56 -1.58
N MET A 193 -5.86 -14.40 -0.93
CA MET A 193 -5.94 -14.04 0.47
C MET A 193 -5.12 -14.97 1.37
N GLU A 194 -5.25 -16.29 1.16
CA GLU A 194 -4.53 -17.28 1.96
C GLU A 194 -3.02 -17.16 1.79
N GLU A 195 -2.57 -16.97 0.55
CA GLU A 195 -1.14 -16.81 0.28
C GLU A 195 -0.59 -15.55 0.93
N PHE A 196 -1.35 -14.46 0.84
CA PHE A 196 -0.99 -13.20 1.48
C PHE A 196 -0.85 -13.37 2.99
N LYS A 197 -1.84 -14.03 3.61
CA LYS A 197 -1.79 -14.33 5.05
C LYS A 197 -0.56 -15.17 5.40
N GLN A 198 -0.27 -16.18 4.57
CA GLN A 198 0.90 -17.04 4.78
C GLN A 198 2.19 -16.22 4.69
N LEU A 199 2.24 -15.30 3.72
CA LEU A 199 3.39 -14.44 3.52
C LEU A 199 3.65 -13.61 4.77
N LEU A 200 2.61 -12.95 5.30
CA LEU A 200 2.77 -12.15 6.52
C LEU A 200 3.12 -13.01 7.74
N HIS A 201 2.62 -14.25 7.78
CA HIS A 201 3.01 -15.17 8.86
C HIS A 201 4.51 -15.45 8.83
N VAL A 202 5.04 -15.73 7.64
CA VAL A 202 6.46 -16.05 7.46
C VAL A 202 7.37 -14.91 7.94
N VAL A 203 7.02 -13.67 7.57
CA VAL A 203 7.87 -12.52 7.90
C VAL A 203 7.75 -11.99 9.32
N THR A 204 6.67 -12.36 10.04
CA THR A 204 6.46 -11.79 11.38
C THR A 204 6.84 -12.69 12.57
N LYS A 205 6.48 -13.98 12.53
CA LYS A 205 6.75 -14.85 13.69
C LYS A 205 8.26 -15.02 13.99
N GLU A 206 9.10 -14.50 13.09
CA GLU A 206 10.55 -14.43 13.32
C GLU A 206 10.96 -13.10 14.00
N GLN A 207 9.98 -12.35 14.50
CA GLN A 207 10.23 -11.00 15.03
C GLN A 207 9.60 -10.74 16.41
N HIS A 208 10.38 -10.17 17.32
CA HIS A 208 9.92 -9.78 18.65
C HIS A 208 9.01 -8.57 18.61
N GLY A 209 7.87 -8.68 19.30
CA GLY A 209 6.93 -7.55 19.47
C GLY A 209 6.11 -7.23 18.24
N VAL A 210 6.04 -8.19 17.31
CA VAL A 210 5.41 -7.99 16.00
C VAL A 210 4.22 -8.94 15.83
N SER A 211 3.04 -8.38 15.54
CA SER A 211 1.84 -9.16 15.22
C SER A 211 1.40 -8.81 13.79
N PHE A 212 0.43 -9.54 13.26
CA PHE A 212 -0.09 -9.22 11.92
C PHE A 212 -1.60 -9.41 11.81
N HIS A 213 -2.17 -8.82 10.76
CA HIS A 213 -3.59 -8.95 10.47
C HIS A 213 -3.80 -8.86 8.98
N VAL A 214 -4.64 -9.75 8.44
CA VAL A 214 -5.02 -9.69 7.03
C VAL A 214 -6.54 -9.78 6.93
N GLY A 215 -7.12 -9.09 5.96
CA GLY A 215 -8.55 -9.19 5.69
C GLY A 215 -8.95 -8.55 4.39
N ASN A 216 -10.17 -8.86 3.94
CA ASN A 216 -10.75 -8.35 2.70
C ASN A 216 -11.68 -7.16 2.92
N SER A 217 -12.06 -6.93 4.17
CA SER A 217 -12.98 -5.85 4.50
C SER A 217 -12.51 -4.54 3.92
N PHE A 218 -13.43 -3.79 3.35
CA PHE A 218 -13.12 -2.50 2.76
C PHE A 218 -12.42 -1.56 3.72
N ILE A 219 -12.72 -1.68 5.01
CA ILE A 219 -12.09 -0.80 6.00
C ILE A 219 -10.93 -1.54 6.66
N GLY A 220 -9.75 -1.41 6.04
CA GLY A 220 -8.50 -1.94 6.59
C GLY A 220 -8.45 -3.45 6.78
N GLY A 221 -9.35 -4.18 6.12
CA GLY A 221 -9.41 -5.62 6.27
C GLY A 221 -9.93 -6.09 7.63
N PHE A 222 -10.49 -5.15 8.38
CA PHE A 222 -11.05 -5.46 9.70
C PHE A 222 -12.51 -5.85 9.61
N ASP A 223 -12.79 -7.09 10.03
CA ASP A 223 -14.14 -7.66 10.10
C ASP A 223 -15.08 -6.72 10.84
N GLU A 224 -16.33 -6.71 10.40
CA GLU A 224 -17.32 -5.75 10.86
C GLU A 224 -17.99 -6.19 12.14
N THR A 225 -17.27 -7.01 12.89
CA THR A 225 -17.67 -7.44 14.22
C THR A 225 -16.42 -7.34 15.10
N SER A 226 -15.30 -6.99 14.48
CA SER A 226 -14.01 -6.85 15.17
C SER A 226 -13.84 -5.47 15.79
N SER A 227 -12.86 -5.37 16.70
CA SER A 227 -12.64 -4.19 17.54
C SER A 227 -12.12 -2.94 16.80
N GLN A 228 -11.08 -3.12 15.98
CA GLN A 228 -10.46 -2.02 15.24
C GLN A 228 -11.46 -1.41 14.27
N PHE A 229 -12.40 -2.24 13.80
CA PHE A 229 -13.47 -1.83 12.90
C PHE A 229 -14.33 -0.72 13.52
N PHE A 230 -14.66 -0.86 14.80
CA PHE A 230 -15.50 0.12 15.49
C PHE A 230 -14.82 1.47 15.65
N SER A 231 -13.56 1.46 16.06
CA SER A 231 -12.73 2.66 16.14
C SER A 231 -12.66 3.37 14.78
N LEU A 232 -12.43 2.58 13.73
CA LEU A 232 -12.34 3.12 12.38
C LEU A 232 -13.66 3.75 11.92
N MET A 233 -14.76 3.04 12.13
CA MET A 233 -16.06 3.54 11.64
C MET A 233 -16.52 4.79 12.38
N ARG A 234 -16.01 4.99 13.59
CA ARG A 234 -16.29 6.21 14.40
C ARG A 234 -15.46 7.43 13.98
N ASN A 235 -14.38 7.20 13.25
CA ASN A 235 -13.41 8.25 12.92
C ASN A 235 -13.94 9.30 11.95
N ARG A 236 -13.97 10.56 12.39
CA ARG A 236 -14.52 11.66 11.58
C ARG A 236 -13.79 11.86 10.25
N ASN A 237 -12.46 11.77 10.28
CA ASN A 237 -11.64 11.90 9.08
C ASN A 237 -11.88 10.78 8.06
N LEU A 238 -11.93 9.53 8.53
CA LEU A 238 -12.23 8.40 7.64
C LEU A 238 -13.65 8.49 7.09
N GLN A 239 -14.60 8.88 7.94
CA GLN A 239 -15.98 9.12 7.51
C GLN A 239 -16.04 10.14 6.39
N ASP A 240 -15.31 11.25 6.55
CA ASP A 240 -15.20 12.30 5.53
C ASP A 240 -14.70 11.75 4.20
N ALA A 241 -13.67 10.92 4.28
CA ALA A 241 -13.07 10.30 3.10
C ALA A 241 -14.05 9.35 2.42
N LEU A 242 -14.83 8.60 3.20
CA LEU A 242 -15.80 7.66 2.66
C LEU A 242 -16.94 8.34 1.90
N ARG A 243 -17.33 9.54 2.34
CA ARG A 243 -18.40 10.30 1.69
C ARG A 243 -18.06 10.69 0.26
N THR A 244 -16.98 11.47 0.08
CA THR A 244 -16.57 11.89 -1.25
C THR A 244 -15.26 11.25 -1.69
N SER A 245 -15.31 9.94 -1.89
CA SER A 245 -14.26 9.20 -2.59
C SER A 245 -14.94 8.44 -3.73
N VAL A 246 -15.77 7.47 -3.35
CA VAL A 246 -16.64 6.81 -4.30
C VAL A 246 -18.09 7.17 -3.94
N GLY A 247 -18.35 8.48 -3.91
CA GLY A 247 -19.66 9.02 -3.58
C GLY A 247 -20.32 9.72 -4.75
N GLU A 248 -20.16 9.14 -5.94
CA GLU A 248 -20.79 9.66 -7.15
C GLU A 248 -22.19 9.04 -7.30
N GLN A 249 -22.88 9.40 -8.37
CA GLN A 249 -24.18 8.82 -8.69
C GLN A 249 -23.98 7.42 -9.30
N LEU A 250 -24.15 7.32 -10.61
CA LEU A 250 -23.82 6.10 -11.39
C LEU A 250 -24.45 4.79 -10.90
N LYS A 251 -25.40 4.88 -9.97
CA LYS A 251 -26.05 3.72 -9.33
C LYS A 251 -25.08 2.82 -8.54
N GLN A 252 -24.32 1.98 -9.26
CA GLN A 252 -23.36 1.07 -8.62
C GLN A 252 -21.91 1.54 -8.75
N SER A 253 -21.02 0.92 -7.99
CA SER A 253 -19.63 1.35 -7.88
C SER A 253 -18.61 0.44 -8.59
N GLN A 254 -18.96 -0.84 -8.73
CA GLN A 254 -18.03 -1.87 -9.23
C GLN A 254 -16.74 -1.91 -8.42
N MET A 255 -16.83 -2.50 -7.24
CA MET A 255 -15.70 -2.53 -6.29
C MET A 255 -15.06 -3.91 -6.17
N PRO A 256 -13.86 -4.10 -6.77
CA PRO A 256 -13.13 -5.34 -6.53
C PRO A 256 -12.55 -5.31 -5.12
N ALA A 257 -12.75 -6.38 -4.37
CA ALA A 257 -12.22 -6.49 -3.03
C ALA A 257 -10.70 -6.52 -3.08
N LEU A 258 -10.07 -5.86 -2.11
CA LEU A 258 -8.62 -5.80 -2.04
C LEU A 258 -8.14 -6.56 -0.82
N LEU A 259 -6.87 -6.96 -0.87
CA LEU A 259 -6.18 -7.49 0.30
C LEU A 259 -5.69 -6.33 1.16
N HIS A 260 -5.84 -6.47 2.47
CA HIS A 260 -5.33 -5.48 3.42
C HIS A 260 -4.52 -6.20 4.46
N GLY A 261 -3.25 -5.83 4.58
CA GLY A 261 -2.37 -6.47 5.54
C GLY A 261 -1.66 -5.49 6.45
N TRP A 262 -1.59 -5.83 7.73
CA TRP A 262 -0.86 -5.02 8.71
C TRP A 262 0.21 -5.86 9.37
N ILE A 263 1.40 -5.27 9.51
CA ILE A 263 2.44 -5.81 10.36
C ILE A 263 2.59 -4.74 11.45
N ILE A 264 2.34 -5.13 12.70
CA ILE A 264 2.21 -4.17 13.80
C ILE A 264 3.32 -4.41 14.81
N LYS A 265 4.05 -3.35 15.15
CA LYS A 265 5.17 -3.46 16.09
C LYS A 265 4.92 -2.58 17.31
N ASN A 266 4.93 -3.20 18.49
CA ASN A 266 4.79 -2.46 19.74
C ASN A 266 5.84 -3.00 20.70
N LYS A 267 7.03 -2.41 20.62
CA LYS A 267 8.18 -2.89 21.40
C LYS A 267 7.99 -2.66 22.90
N ARG A 268 8.14 -3.75 23.66
CA ARG A 268 8.16 -3.70 25.11
C ARG A 268 9.63 -3.60 25.55
N TYR A 269 9.94 -2.56 26.31
CA TYR A 269 11.30 -2.38 26.80
C TYR A 269 11.49 -2.95 28.18
N THR A 270 12.73 -3.29 28.51
CA THR A 270 13.09 -3.56 29.89
C THR A 270 13.91 -2.38 30.41
N SAH B . 1.63 3.54 -4.29
CA SAH B . 1.17 3.99 -5.61
CB SAH B . 1.41 2.91 -6.65
CG SAH B . 1.84 3.55 -7.96
SD SAH B . 1.87 2.34 -9.27
C SAH B . -0.29 4.30 -5.56
O SAH B . -1.02 3.79 -4.72
OXT SAH B . -0.80 5.08 -6.37
C5' SAH B . 3.14 1.23 -8.74
C4' SAH B . 4.43 1.99 -8.47
O4' SAH B . 5.40 1.11 -7.91
C3' SAH B . 5.06 2.58 -9.74
O3' SAH B . 5.27 3.99 -9.55
C2' SAH B . 6.37 1.84 -9.89
O2' SAH B . 7.40 2.65 -10.47
C1' SAH B . 6.68 1.46 -8.47
N9 SAH B . 7.59 0.30 -8.31
C8 SAH B . 7.54 -0.87 -8.95
N7 SAH B . 8.53 -1.71 -8.53
C5 SAH B . 9.23 -1.04 -7.60
C6 SAH B . 10.41 -1.30 -6.76
N6 SAH B . 11.06 -2.50 -6.82
N1 SAH B . 10.82 -0.34 -5.91
C2 SAH B . 10.21 0.86 -5.82
N3 SAH B . 9.14 1.17 -6.57
C4 SAH B . 8.62 0.28 -7.46
#